data_4DHN
#
_entry.id   4DHN
#
_cell.length_a   82.180
_cell.length_b   111.800
_cell.length_c   62.400
_cell.angle_alpha   90.00
_cell.angle_beta   90.00
_cell.angle_gamma   90.00
#
_symmetry.space_group_name_H-M   'C 2 2 21'
#
loop_
_entity.id
_entity.type
_entity.pdbx_description
1 polymer '14-3-3 protein sigma'
2 non-polymer 'MAGNESIUM ION'
3 non-polymer 'CHLORIDE ION'
4 non-polymer GLYCEROL
5 non-polymer '{2-[2-(cyclopentylamino)-2-oxoethoxy]phenyl}phosphonic acid'
6 water water
#
_entity_poly.entity_id   1
_entity_poly.type   'polypeptide(L)'
_entity_poly.pdbx_seq_one_letter_code
;AMGSMERASLIQKAKLAEQAERYEDMAAFMKGAVEKGEELSCEERNLLSVAYKNVVGGQRAAWRVLSSIEQKSNEEGSEE
KGPEVREYREKVETELQGVCDTVLGLLDSHLIKEAGDAESRVFYLKMKGDYYRYLAEVATGDDKKRIIDSARSAYQEAMD
ISKKEMPPTNPIRLGLALNFSVFHYEIANSPEEAISLAKTTFDEAMADLHTLSEDSYKDSTLIMQLLRDNLTLWT
;
_entity_poly.pdbx_strand_id   A
#
# COMPACT_ATOMS: atom_id res chain seq x y z
N ALA A 1 -11.16 20.93 -7.12
CA ALA A 1 -12.51 20.86 -7.80
C ALA A 1 -13.59 20.32 -6.87
N MET A 2 -13.19 19.73 -5.74
CA MET A 2 -14.17 19.24 -4.73
C MET A 2 -14.36 20.19 -3.55
N GLY A 3 -13.72 21.35 -3.63
CA GLY A 3 -13.78 22.37 -2.55
C GLY A 3 -15.17 22.85 -2.18
N SER A 4 -16.07 22.80 -3.14
CA SER A 4 -17.44 23.29 -2.84
C SER A 4 -18.38 22.19 -2.35
N MET A 5 -17.92 20.93 -2.33
CA MET A 5 -18.81 19.84 -1.90
C MET A 5 -18.65 19.51 -0.42
N GLU A 6 -19.77 19.30 0.27
CA GLU A 6 -19.71 18.91 1.71
C GLU A 6 -18.87 17.65 1.91
N ARG A 7 -18.16 17.58 3.04
CA ARG A 7 -17.39 16.37 3.33
C ARG A 7 -18.25 15.16 3.35
N ALA A 8 -19.44 15.24 3.96
CA ALA A 8 -20.24 14.00 4.03
C ALA A 8 -20.71 13.54 2.65
N SER A 9 -21.00 14.52 1.79
CA SER A 9 -21.44 14.20 0.40
C SER A 9 -20.29 13.55 -0.40
N LEU A 10 -19.07 14.05 -0.22
CA LEU A 10 -17.87 13.41 -0.87
C LEU A 10 -17.76 11.96 -0.39
N ILE A 11 -17.93 11.71 0.91
CA ILE A 11 -17.84 10.32 1.41
C ILE A 11 -18.96 9.45 0.81
N GLN A 12 -20.18 9.98 0.83
CA GLN A 12 -21.30 9.22 0.28
C GLN A 12 -21.07 8.91 -1.22
N LYS A 13 -20.58 9.90 -1.98
CA LYS A 13 -20.29 9.69 -3.41
C LYS A 13 -19.12 8.72 -3.63
N ALA A 14 -18.12 8.74 -2.73
CA ALA A 14 -17.02 7.75 -2.85
C ALA A 14 -17.61 6.34 -2.75
N LYS A 15 -18.56 6.15 -1.82
CA LYS A 15 -19.15 4.83 -1.66
C LYS A 15 -19.99 4.44 -2.88
N LEU A 16 -20.72 5.38 -3.44
CA LEU A 16 -21.46 5.12 -4.71
C LEU A 16 -20.51 4.79 -5.88
N ALA A 17 -19.42 5.55 -5.97
CA ALA A 17 -18.42 5.27 -7.04
C ALA A 17 -17.81 3.90 -6.86
N GLU A 18 -17.53 3.50 -5.63
CA GLU A 18 -17.08 2.11 -5.39
C GLU A 18 -18.12 1.05 -5.91
N GLN A 19 -19.40 1.24 -5.61
CA GLN A 19 -20.43 0.30 -6.09
C GLN A 19 -20.48 0.25 -7.60
N ALA A 20 -20.22 1.40 -8.24
CA ALA A 20 -20.26 1.55 -9.70
C ALA A 20 -18.95 1.16 -10.39
N GLU A 21 -18.00 0.73 -9.59
CA GLU A 21 -16.60 0.45 -10.05
C GLU A 21 -15.98 1.65 -10.79
N ARG A 22 -16.24 2.85 -10.28
CA ARG A 22 -15.71 4.06 -10.86
C ARG A 22 -14.59 4.55 -9.98
N TYR A 23 -13.43 3.89 -10.08
CA TYR A 23 -12.39 4.18 -9.05
C TYR A 23 -11.67 5.50 -9.17
N GLU A 24 -11.49 6.03 -10.40
CA GLU A 24 -10.94 7.37 -10.53
CA GLU A 24 -10.97 7.39 -10.60
C GLU A 24 -11.87 8.40 -9.84
N ASP A 25 -13.19 8.29 -10.06
CA ASP A 25 -14.12 9.20 -9.35
C ASP A 25 -14.00 8.97 -7.82
N MET A 26 -13.93 7.71 -7.44
CA MET A 26 -13.86 7.39 -5.98
C MET A 26 -12.61 8.08 -5.38
N ALA A 27 -11.46 7.98 -6.07
CA ALA A 27 -10.20 8.64 -5.59
C ALA A 27 -10.35 10.13 -5.53
N ALA A 28 -10.95 10.74 -6.55
CA ALA A 28 -11.08 12.19 -6.54
C ALA A 28 -12.03 12.61 -5.38
N PHE A 29 -13.09 11.84 -5.10
CA PHE A 29 -14.01 12.23 -3.98
C PHE A 29 -13.24 12.09 -2.65
N MET A 30 -12.49 11.01 -2.49
CA MET A 30 -11.72 10.83 -1.23
C MET A 30 -10.58 11.87 -1.07
N LYS A 31 -9.93 12.23 -2.18
CA LYS A 31 -8.93 13.34 -2.14
C LYS A 31 -9.65 14.60 -1.61
N GLY A 32 -10.79 14.94 -2.24
CA GLY A 32 -11.62 16.06 -1.72
C GLY A 32 -11.92 15.98 -0.24
N ALA A 33 -12.36 14.77 0.23
CA ALA A 33 -12.64 14.61 1.67
C ALA A 33 -11.37 14.85 2.54
N VAL A 34 -10.24 14.24 2.17
CA VAL A 34 -9.00 14.53 2.93
C VAL A 34 -8.69 16.02 2.98
N GLU A 35 -8.84 16.70 1.83
CA GLU A 35 -8.53 18.11 1.75
C GLU A 35 -9.45 19.01 2.58
N LYS A 36 -10.51 18.46 3.15
CA LYS A 36 -11.28 19.24 4.12
C LYS A 36 -10.51 19.47 5.42
N GLY A 37 -9.45 18.69 5.64
CA GLY A 37 -8.57 18.97 6.77
C GLY A 37 -8.83 18.21 8.06
N GLU A 38 -9.96 17.51 8.16
CA GLU A 38 -10.33 16.74 9.34
CA GLU A 38 -10.28 16.75 9.34
C GLU A 38 -9.68 15.36 9.23
N GLU A 39 -9.40 14.75 10.38
CA GLU A 39 -8.88 13.37 10.36
C GLU A 39 -9.91 12.44 9.71
N LEU A 40 -9.45 11.26 9.28
CA LEU A 40 -10.36 10.28 8.65
C LEU A 40 -10.66 9.18 9.64
N SER A 41 -11.89 8.71 9.64
CA SER A 41 -12.23 7.54 10.44
C SER A 41 -11.67 6.22 9.82
N CYS A 42 -11.81 5.08 10.52
CA CYS A 42 -11.34 3.82 10.01
CA CYS A 42 -11.32 3.83 9.94
C CYS A 42 -11.97 3.54 8.63
N GLU A 43 -13.28 3.71 8.56
CA GLU A 43 -13.99 3.38 7.34
C GLU A 43 -13.51 4.30 6.21
N GLU A 44 -13.35 5.57 6.51
CA GLU A 44 -12.90 6.56 5.47
C GLU A 44 -11.46 6.27 5.01
N ARG A 45 -10.58 5.87 5.94
CA ARG A 45 -9.21 5.46 5.54
C ARG A 45 -9.26 4.30 4.60
N ASN A 46 -10.16 3.36 4.86
CA ASN A 46 -10.30 2.27 3.93
C ASN A 46 -10.83 2.69 2.58
N LEU A 47 -11.75 3.68 2.54
CA LEU A 47 -12.23 4.14 1.24
C LEU A 47 -11.09 4.76 0.42
N LEU A 48 -10.26 5.53 1.11
CA LEU A 48 -9.14 6.25 0.47
C LEU A 48 -8.18 5.22 -0.14
N SER A 49 -7.83 4.22 0.66
CA SER A 49 -6.91 3.16 0.22
CA SER A 49 -6.89 3.20 0.19
C SER A 49 -7.47 2.35 -0.95
N VAL A 50 -8.72 1.91 -0.84
CA VAL A 50 -9.35 1.14 -1.96
C VAL A 50 -9.34 1.97 -3.27
N ALA A 51 -9.66 3.25 -3.16
CA ALA A 51 -9.82 4.05 -4.36
C ALA A 51 -8.46 4.11 -5.08
N TYR A 52 -7.44 4.56 -4.36
CA TYR A 52 -6.09 4.71 -5.00
C TYR A 52 -5.43 3.39 -5.38
N LYS A 53 -5.68 2.32 -4.60
CA LYS A 53 -5.04 1.03 -4.96
CA LYS A 53 -5.17 0.95 -4.89
C LYS A 53 -5.64 0.55 -6.27
N ASN A 54 -6.93 0.77 -6.50
CA ASN A 54 -7.47 0.42 -7.79
C ASN A 54 -7.03 1.28 -8.92
N VAL A 55 -6.94 2.57 -8.71
CA VAL A 55 -6.46 3.49 -9.79
C VAL A 55 -5.02 3.10 -10.16
N VAL A 56 -4.13 3.07 -9.16
CA VAL A 56 -2.72 2.78 -9.43
CA VAL A 56 -2.72 2.77 -9.48
C VAL A 56 -2.57 1.33 -9.92
N GLY A 57 -3.47 0.42 -9.45
CA GLY A 57 -3.36 -0.97 -9.91
C GLY A 57 -3.58 -1.09 -11.41
N GLY A 58 -4.61 -0.41 -11.93
CA GLY A 58 -4.78 -0.31 -13.39
C GLY A 58 -3.55 0.25 -14.17
N GLN A 59 -2.94 1.29 -13.63
CA GLN A 59 -1.78 1.93 -14.25
C GLN A 59 -0.59 0.98 -14.19
N ARG A 60 -0.40 0.30 -13.05
CA ARG A 60 0.75 -0.63 -12.93
C ARG A 60 0.61 -1.83 -13.89
N ALA A 61 -0.58 -2.37 -14.02
CA ALA A 61 -0.82 -3.50 -14.90
C ALA A 61 -0.56 -3.02 -16.32
N ALA A 62 -1.03 -1.85 -16.66
CA ALA A 62 -0.74 -1.33 -18.04
C ALA A 62 0.74 -1.09 -18.29
N TRP A 63 1.41 -0.44 -17.34
CA TRP A 63 2.82 -0.19 -17.46
C TRP A 63 3.57 -1.52 -17.63
N ARG A 64 3.14 -2.56 -16.92
CA ARG A 64 3.87 -3.83 -17.10
C ARG A 64 3.72 -4.44 -18.48
N VAL A 65 2.50 -4.40 -19.01
CA VAL A 65 2.27 -4.83 -20.41
C VAL A 65 3.21 -4.04 -21.36
N LEU A 66 3.19 -2.70 -21.26
CA LEU A 66 3.92 -1.84 -22.19
C LEU A 66 5.44 -2.07 -22.02
N SER A 67 5.90 -2.19 -20.77
CA SER A 67 7.34 -2.42 -20.51
CA SER A 67 7.32 -2.45 -20.50
C SER A 67 7.79 -3.75 -21.12
N SER A 68 6.94 -4.76 -21.04
CA SER A 68 7.26 -6.07 -21.64
CA SER A 68 7.22 -6.08 -21.63
C SER A 68 7.39 -5.93 -23.14
N ILE A 69 6.42 -5.22 -23.75
CA ILE A 69 6.47 -5.01 -25.23
C ILE A 69 7.74 -4.24 -25.58
N GLU A 70 8.07 -3.21 -24.80
CA GLU A 70 9.23 -2.37 -25.04
C GLU A 70 10.53 -3.19 -24.97
N GLN A 71 10.61 -4.07 -23.97
CA GLN A 71 11.81 -4.91 -23.80
C GLN A 71 11.99 -5.85 -24.99
N LYS A 72 10.93 -6.51 -25.41
CA LYS A 72 10.98 -7.35 -26.62
C LYS A 72 11.38 -6.57 -27.89
N SER A 73 11.01 -5.30 -27.97
CA SER A 73 11.37 -4.50 -29.13
C SER A 73 12.82 -4.06 -29.12
N ASN A 74 13.49 -4.17 -27.96
CA ASN A 74 14.83 -3.61 -27.84
C ASN A 74 15.93 -4.63 -28.02
N GLY A 82 10.29 2.28 -34.05
CA GLY A 82 10.16 3.73 -33.83
C GLY A 82 9.97 3.99 -32.33
N PRO A 83 9.71 5.25 -31.98
CA PRO A 83 9.68 5.69 -30.61
C PRO A 83 8.35 5.41 -29.92
N GLU A 84 7.38 4.80 -30.62
CA GLU A 84 6.03 4.86 -30.09
C GLU A 84 5.86 4.06 -28.81
N VAL A 85 6.46 2.89 -28.72
CA VAL A 85 6.26 2.05 -27.52
CA VAL A 85 6.23 2.07 -27.52
C VAL A 85 6.85 2.74 -26.30
N ARG A 86 8.09 3.25 -26.44
CA ARG A 86 8.71 4.00 -25.36
C ARG A 86 7.87 5.21 -25.01
N GLU A 87 7.37 5.94 -26.03
CA GLU A 87 6.60 7.14 -25.71
C GLU A 87 5.36 6.81 -24.92
N TYR A 88 4.66 5.75 -25.35
CA TYR A 88 3.37 5.46 -24.70
C TYR A 88 3.64 4.83 -23.29
N ARG A 89 4.69 4.00 -23.18
CA ARG A 89 5.06 3.52 -21.81
C ARG A 89 5.41 4.76 -20.90
N GLU A 90 6.19 5.74 -21.40
CA GLU A 90 6.45 6.97 -20.66
CA GLU A 90 6.42 6.99 -20.66
C GLU A 90 5.19 7.74 -20.25
N LYS A 91 4.20 7.80 -21.14
CA LYS A 91 2.94 8.49 -20.85
CA LYS A 91 2.95 8.50 -20.83
C LYS A 91 2.28 7.83 -19.63
N VAL A 92 2.18 6.52 -19.69
CA VAL A 92 1.51 5.75 -18.62
C VAL A 92 2.32 5.89 -17.33
N GLU A 93 3.64 5.78 -17.46
CA GLU A 93 4.56 5.97 -16.32
C GLU A 93 4.40 7.31 -15.64
N THR A 94 4.33 8.38 -16.44
CA THR A 94 4.17 9.73 -15.89
C THR A 94 2.84 9.87 -15.16
N GLU A 95 1.78 9.25 -15.70
CA GLU A 95 0.47 9.38 -15.06
CA GLU A 95 0.45 9.35 -15.09
C GLU A 95 0.47 8.59 -13.75
N LEU A 96 1.12 7.44 -13.76
CA LEU A 96 1.27 6.60 -12.53
C LEU A 96 2.05 7.38 -11.45
N GLN A 97 3.17 7.99 -11.88
CA GLN A 97 3.93 8.83 -10.93
C GLN A 97 3.10 9.92 -10.38
N GLY A 98 2.27 10.54 -11.22
CA GLY A 98 1.48 11.66 -10.70
C GLY A 98 0.47 11.19 -9.67
N VAL A 99 -0.11 10.03 -9.87
CA VAL A 99 -1.06 9.46 -8.86
C VAL A 99 -0.28 9.13 -7.56
N CYS A 100 0.88 8.49 -7.66
CA CYS A 100 1.68 8.25 -6.43
C CYS A 100 2.05 9.55 -5.73
N ASP A 101 2.44 10.58 -6.48
CA ASP A 101 2.78 11.83 -5.87
C ASP A 101 1.58 12.47 -5.18
N THR A 102 0.42 12.30 -5.78
CA THR A 102 -0.81 12.89 -5.17
C THR A 102 -1.06 12.19 -3.81
N VAL A 103 -0.98 10.85 -3.83
CA VAL A 103 -1.26 10.12 -2.55
C VAL A 103 -0.23 10.50 -1.50
N LEU A 104 1.04 10.48 -1.89
CA LEU A 104 2.09 10.92 -0.96
C LEU A 104 1.96 12.35 -0.42
N GLY A 105 1.46 13.26 -1.26
CA GLY A 105 1.16 14.60 -0.82
C GLY A 105 0.03 14.66 0.18
N LEU A 106 -0.99 13.82 0.03
CA LEU A 106 -2.08 13.82 0.98
C LEU A 106 -1.56 13.28 2.31
N LEU A 107 -0.77 12.22 2.25
CA LEU A 107 -0.15 11.67 3.50
C LEU A 107 0.75 12.69 4.20
N ASP A 108 1.50 13.49 3.42
CA ASP A 108 2.42 14.46 4.02
CA ASP A 108 2.43 14.51 3.95
C ASP A 108 1.71 15.79 4.37
N SER A 109 0.54 16.02 3.80
CA SER A 109 -0.21 17.27 4.01
C SER A 109 -1.69 17.04 4.27
N HIS A 110 -2.11 16.58 5.46
CA HIS A 110 -1.29 16.45 6.68
C HIS A 110 -1.70 15.21 7.42
N LEU A 111 -2.00 14.12 6.68
CA LEU A 111 -2.62 12.97 7.35
C LEU A 111 -1.69 12.32 8.39
N ILE A 112 -0.42 12.12 8.04
CA ILE A 112 0.49 11.39 8.96
C ILE A 112 0.75 12.27 10.22
N LYS A 113 0.96 13.56 10.01
CA LYS A 113 1.34 14.34 11.19
C LYS A 113 0.19 14.44 12.23
N GLU A 114 -1.06 14.36 11.78
CA GLU A 114 -2.16 14.40 12.75
CA GLU A 114 -2.25 14.41 12.64
C GLU A 114 -2.60 13.04 13.27
N ALA A 115 -1.97 11.97 12.77
CA ALA A 115 -2.42 10.62 13.15
C ALA A 115 -1.66 10.18 14.41
N GLY A 116 -2.37 10.19 15.52
CA GLY A 116 -1.77 9.84 16.85
C GLY A 116 -2.09 8.43 17.35
N ASP A 117 -3.19 7.84 16.89
CA ASP A 117 -3.48 6.49 17.29
C ASP A 117 -2.72 5.47 16.45
N ALA A 118 -2.36 4.37 17.07
CA ALA A 118 -1.60 3.38 16.32
C ALA A 118 -2.26 2.94 15.04
N GLU A 119 -3.58 2.73 15.08
CA GLU A 119 -4.23 2.16 13.88
CA GLU A 119 -4.33 2.22 13.93
C GLU A 119 -4.21 3.16 12.72
N SER A 120 -4.32 4.45 12.99
CA SER A 120 -4.25 5.41 11.90
CA SER A 120 -4.26 5.43 11.91
C SER A 120 -2.83 5.62 11.44
N ARG A 121 -1.91 5.78 12.41
CA ARG A 121 -0.51 6.03 12.05
C ARG A 121 0.14 4.90 11.25
N VAL A 122 -0.08 3.67 11.71
CA VAL A 122 0.40 2.49 10.95
C VAL A 122 -0.25 2.43 9.57
N PHE A 123 -1.58 2.64 9.47
CA PHE A 123 -2.25 2.61 8.15
C PHE A 123 -1.55 3.59 7.17
N TYR A 124 -1.37 4.84 7.59
CA TYR A 124 -0.86 5.88 6.66
C TYR A 124 0.61 5.63 6.33
N LEU A 125 1.41 5.15 7.33
CA LEU A 125 2.83 4.84 7.03
C LEU A 125 2.94 3.63 6.10
N LYS A 126 2.08 2.63 6.25
CA LYS A 126 2.03 1.54 5.26
C LYS A 126 1.72 2.12 3.85
N MET A 127 0.73 3.01 3.76
CA MET A 127 0.39 3.61 2.45
CA MET A 127 0.39 3.61 2.48
C MET A 127 1.60 4.34 1.89
N LYS A 128 2.31 5.10 2.74
CA LYS A 128 3.52 5.78 2.32
C LYS A 128 4.53 4.78 1.74
N GLY A 129 4.73 3.66 2.40
CA GLY A 129 5.63 2.62 1.88
C GLY A 129 5.15 2.08 0.54
N ASP A 130 3.84 1.78 0.46
CA ASP A 130 3.30 1.22 -0.79
C ASP A 130 3.51 2.18 -1.98
N TYR A 131 3.20 3.48 -1.78
CA TYR A 131 3.28 4.41 -2.94
C TYR A 131 4.74 4.74 -3.31
N TYR A 132 5.65 4.81 -2.35
CA TYR A 132 7.06 4.88 -2.74
C TYR A 132 7.47 3.57 -3.44
N ARG A 133 6.99 2.40 -2.96
CA ARG A 133 7.27 1.17 -3.67
C ARG A 133 6.79 1.21 -5.16
N TYR A 134 5.61 1.77 -5.39
CA TYR A 134 5.11 1.88 -6.80
C TYR A 134 6.00 2.80 -7.58
N LEU A 135 6.43 3.91 -6.98
CA LEU A 135 7.45 4.76 -7.62
C LEU A 135 8.71 3.96 -7.90
N ALA A 136 9.13 3.12 -6.95
CA ALA A 136 10.41 2.36 -7.16
C ALA A 136 10.33 1.38 -8.32
N GLU A 137 9.15 0.82 -8.59
CA GLU A 137 8.97 -0.19 -9.64
C GLU A 137 9.35 0.41 -11.01
N VAL A 138 9.10 1.69 -11.17
CA VAL A 138 9.38 2.35 -12.46
C VAL A 138 10.63 3.22 -12.49
N ALA A 139 11.33 3.34 -11.36
CA ALA A 139 12.45 4.25 -11.22
C ALA A 139 13.72 3.64 -11.80
N THR A 140 14.69 4.41 -12.25
N THR A 140 14.44 4.59 -12.45
CA THR A 140 15.97 3.72 -12.54
CA THR A 140 15.70 4.47 -13.24
C THR A 140 17.16 4.37 -11.82
C THR A 140 16.80 5.58 -13.01
N GLY A 141 18.27 3.64 -11.70
N GLY A 141 16.45 6.78 -12.54
CA GLY A 141 19.54 4.26 -11.30
CA GLY A 141 17.44 7.87 -12.43
C GLY A 141 19.71 4.53 -9.82
C GLY A 141 18.28 7.96 -11.16
N ASP A 142 20.24 5.71 -9.51
N ASP A 142 18.84 9.15 -10.95
CA ASP A 142 20.36 6.16 -8.13
CA ASP A 142 19.71 9.49 -9.81
C ASP A 142 19.60 7.49 -7.95
C ASP A 142 18.97 9.29 -8.48
N ASP A 143 18.40 7.58 -8.55
N ASP A 143 17.64 9.27 -8.52
CA ASP A 143 17.42 8.59 -8.13
CA ASP A 143 16.84 9.04 -7.32
C ASP A 143 16.53 7.72 -7.24
C ASP A 143 16.30 7.58 -6.98
N LYS A 144 16.46 6.54 -7.83
CA LYS A 144 15.88 5.31 -7.45
C LYS A 144 16.33 4.72 -6.11
N LYS A 145 17.58 4.94 -5.72
CA LYS A 145 17.98 4.41 -4.40
C LYS A 145 17.28 5.16 -3.31
N ARG A 146 17.11 6.47 -3.50
CA ARG A 146 16.54 7.28 -2.44
C ARG A 146 15.05 6.92 -2.40
N ILE A 147 14.46 6.55 -3.54
CA ILE A 147 13.00 6.21 -3.50
C ILE A 147 12.82 4.89 -2.72
N ILE A 148 13.67 3.90 -3.01
CA ILE A 148 13.67 2.61 -2.32
C ILE A 148 13.88 2.85 -0.83
N ASP A 149 14.82 3.72 -0.48
CA ASP A 149 15.03 3.97 0.96
C ASP A 149 13.83 4.66 1.62
N SER A 150 13.14 5.55 0.89
CA SER A 150 11.90 6.15 1.40
C SER A 150 10.84 5.09 1.67
N ALA A 151 10.69 4.14 0.73
CA ALA A 151 9.67 3.10 0.98
C ALA A 151 10.09 2.30 2.26
N ARG A 152 11.35 1.87 2.29
CA ARG A 152 11.93 1.12 3.44
CA ARG A 152 11.83 1.04 3.41
C ARG A 152 11.64 1.82 4.76
N SER A 153 11.99 3.09 4.82
CA SER A 153 11.88 3.91 6.03
CA SER A 153 11.89 3.84 6.07
C SER A 153 10.43 3.97 6.51
N ALA A 154 9.52 4.20 5.57
CA ALA A 154 8.06 4.28 5.96
C ALA A 154 7.54 2.91 6.50
N TYR A 155 7.82 1.83 5.75
CA TYR A 155 7.47 0.47 6.23
C TYR A 155 8.09 0.16 7.59
N GLN A 156 9.33 0.57 7.78
CA GLN A 156 10.03 0.25 9.04
C GLN A 156 9.41 0.95 10.20
N GLU A 157 9.13 2.27 10.05
CA GLU A 157 8.45 3.01 11.13
CA GLU A 157 8.43 3.02 11.11
C GLU A 157 7.07 2.40 11.42
N ALA A 158 6.34 2.00 10.36
CA ALA A 158 5.01 1.38 10.57
C ALA A 158 5.20 0.05 11.36
N MET A 159 6.21 -0.73 10.98
CA MET A 159 6.39 -2.03 11.64
CA MET A 159 6.43 -2.02 11.63
C MET A 159 6.75 -1.79 13.11
N ASP A 160 7.60 -0.80 13.35
CA ASP A 160 8.02 -0.58 14.76
C ASP A 160 6.81 -0.24 15.66
N ILE A 161 5.94 0.63 15.17
CA ILE A 161 4.72 0.98 15.91
C ILE A 161 3.78 -0.23 16.03
N SER A 162 3.57 -0.94 14.91
CA SER A 162 2.66 -2.10 14.89
CA SER A 162 2.69 -2.08 14.91
C SER A 162 3.11 -3.15 15.93
N LYS A 163 4.41 -3.39 16.02
CA LYS A 163 4.86 -4.43 16.93
C LYS A 163 4.70 -4.00 18.40
N LYS A 164 4.80 -2.71 18.68
CA LYS A 164 4.61 -2.22 20.03
CA LYS A 164 4.62 -2.16 20.02
C LYS A 164 3.16 -2.05 20.45
N GLU A 165 2.26 -1.74 19.50
CA GLU A 165 0.92 -1.25 19.81
CA GLU A 165 0.95 -1.29 19.88
C GLU A 165 -0.23 -2.16 19.38
N MET A 166 0.04 -3.17 18.57
CA MET A 166 -1.04 -3.99 18.02
C MET A 166 -0.75 -5.44 18.22
N PRO A 167 -1.82 -6.25 18.37
CA PRO A 167 -1.62 -7.71 18.47
C PRO A 167 -1.17 -8.25 17.11
N PRO A 168 -0.52 -9.42 17.14
CA PRO A 168 0.06 -10.01 15.95
C PRO A 168 -0.97 -10.41 14.96
N THR A 169 -2.25 -10.50 15.35
CA THR A 169 -3.28 -10.80 14.35
C THR A 169 -4.02 -9.58 13.77
N ASN A 170 -3.67 -8.39 14.22
CA ASN A 170 -4.39 -7.20 13.71
C ASN A 170 -4.27 -7.13 12.18
N PRO A 171 -5.39 -7.02 11.43
CA PRO A 171 -5.27 -7.06 9.95
C PRO A 171 -4.44 -5.96 9.31
N ILE A 172 -4.37 -4.79 9.96
CA ILE A 172 -3.49 -3.74 9.41
CA ILE A 172 -3.50 -3.70 9.51
C ILE A 172 -2.03 -4.15 9.62
N ARG A 173 -1.69 -4.64 10.80
CA ARG A 173 -0.33 -5.17 11.03
C ARG A 173 0.05 -6.27 10.05
N LEU A 174 -0.87 -7.21 9.84
CA LEU A 174 -0.66 -8.31 8.88
C LEU A 174 -0.48 -7.83 7.45
N GLY A 175 -1.32 -6.88 7.01
CA GLY A 175 -1.22 -6.41 5.61
C GLY A 175 0.08 -5.59 5.47
N LEU A 176 0.48 -4.90 6.53
CA LEU A 176 1.75 -4.19 6.47
C LEU A 176 2.91 -5.16 6.29
N ALA A 177 2.88 -6.23 7.08
CA ALA A 177 4.01 -7.17 7.00
C ALA A 177 4.01 -7.88 5.65
N LEU A 178 2.83 -8.24 5.17
CA LEU A 178 2.70 -8.79 3.83
C LEU A 178 3.35 -7.86 2.77
N ASN A 179 3.00 -6.57 2.82
CA ASN A 179 3.50 -5.64 1.75
C ASN A 179 4.96 -5.33 1.95
N PHE A 180 5.42 -5.31 3.20
CA PHE A 180 6.87 -5.09 3.40
C PHE A 180 7.65 -6.31 2.91
N SER A 181 7.09 -7.53 3.07
CA SER A 181 7.76 -8.74 2.57
CA SER A 181 7.74 -8.75 2.55
CA SER A 181 7.74 -8.74 2.57
C SER A 181 7.83 -8.69 1.05
N VAL A 182 6.77 -8.18 0.40
CA VAL A 182 6.79 -7.98 -1.09
C VAL A 182 7.84 -6.96 -1.50
N PHE A 183 7.95 -5.87 -0.74
CA PHE A 183 8.98 -4.89 -0.98
C PHE A 183 10.35 -5.64 -0.94
N HIS A 184 10.59 -6.42 0.14
CA HIS A 184 11.93 -7.01 0.22
C HIS A 184 12.21 -7.91 -1.00
N TYR A 185 11.19 -8.68 -1.40
CA TYR A 185 11.37 -9.73 -2.44
C TYR A 185 11.50 -9.09 -3.84
N GLU A 186 10.63 -8.12 -4.11
CA GLU A 186 10.53 -7.52 -5.46
C GLU A 186 11.38 -6.28 -5.70
N ILE A 187 11.62 -5.48 -4.67
CA ILE A 187 12.25 -4.21 -4.88
C ILE A 187 13.66 -4.24 -4.32
N ALA A 188 13.85 -4.78 -3.11
CA ALA A 188 15.14 -4.64 -2.41
C ALA A 188 16.07 -5.82 -2.71
N ASN A 189 15.66 -6.75 -3.56
CA ASN A 189 16.48 -7.92 -3.93
CA ASN A 189 16.49 -7.91 -3.91
C ASN A 189 16.91 -8.67 -2.65
N SER A 190 15.99 -8.81 -1.69
CA SER A 190 16.28 -9.46 -0.40
C SER A 190 15.28 -10.59 -0.14
N PRO A 191 15.27 -11.62 -0.99
CA PRO A 191 14.26 -12.67 -0.90
C PRO A 191 14.37 -13.34 0.46
N GLU A 192 15.56 -13.43 1.06
CA GLU A 192 15.61 -14.13 2.37
C GLU A 192 14.90 -13.30 3.45
N GLU A 193 15.12 -11.99 3.47
CA GLU A 193 14.41 -11.09 4.42
C GLU A 193 12.89 -11.21 4.16
N ALA A 194 12.50 -11.29 2.89
CA ALA A 194 11.03 -11.45 2.57
C ALA A 194 10.44 -12.68 3.19
N ILE A 195 11.14 -13.77 2.97
CA ILE A 195 10.68 -15.08 3.46
C ILE A 195 10.67 -15.10 5.00
N SER A 196 11.72 -14.59 5.62
CA SER A 196 11.80 -14.55 7.10
CA SER A 196 11.79 -14.54 7.09
C SER A 196 10.65 -13.73 7.66
N LEU A 197 10.44 -12.55 7.05
CA LEU A 197 9.40 -11.72 7.60
C LEU A 197 8.01 -12.39 7.41
N ALA A 198 7.75 -12.95 6.23
CA ALA A 198 6.41 -13.54 6.03
C ALA A 198 6.20 -14.76 6.98
N LYS A 199 7.28 -15.54 7.20
CA LYS A 199 7.18 -16.71 8.08
CA LYS A 199 7.23 -16.73 8.10
C LYS A 199 6.94 -16.35 9.55
N THR A 200 7.75 -15.44 10.10
CA THR A 200 7.59 -15.00 11.49
CA THR A 200 7.55 -15.01 11.50
C THR A 200 6.20 -14.33 11.69
N THR A 201 5.80 -13.52 10.71
CA THR A 201 4.46 -12.86 10.80
C THR A 201 3.38 -13.91 10.83
N PHE A 202 3.48 -14.89 9.94
CA PHE A 202 2.46 -15.96 9.88
C PHE A 202 2.41 -16.74 11.25
N ASP A 203 3.58 -17.11 11.78
CA ASP A 203 3.65 -17.98 12.95
C ASP A 203 3.18 -17.20 14.20
N GLU A 204 3.55 -15.94 14.31
CA GLU A 204 3.10 -15.14 15.45
CA GLU A 204 3.11 -15.11 15.44
C GLU A 204 1.60 -14.89 15.39
N ALA A 205 1.05 -14.75 14.18
CA ALA A 205 -0.40 -14.60 14.09
C ALA A 205 -1.10 -15.91 14.47
N MET A 206 -0.66 -17.05 13.90
CA MET A 206 -1.23 -18.33 14.26
CA MET A 206 -1.19 -18.37 14.27
C MET A 206 -1.39 -18.50 15.79
N ALA A 207 -0.33 -18.16 16.54
CA ALA A 207 -0.32 -18.31 18.00
C ALA A 207 -1.28 -17.39 18.75
N ASP A 208 -1.79 -16.34 18.09
CA ASP A 208 -2.68 -15.35 18.72
CA ASP A 208 -2.71 -15.43 18.76
C ASP A 208 -4.17 -15.56 18.26
N LEU A 209 -4.40 -16.49 17.32
CA LEU A 209 -5.76 -16.68 16.79
C LEU A 209 -6.75 -17.05 17.89
N HIS A 210 -6.27 -17.76 18.91
CA HIS A 210 -7.17 -18.31 19.93
C HIS A 210 -7.88 -17.18 20.69
N THR A 211 -7.33 -15.94 20.61
CA THR A 211 -7.91 -14.81 21.31
C THR A 211 -9.06 -14.13 20.58
N LEU A 212 -9.32 -14.54 19.34
CA LEU A 212 -10.22 -13.85 18.45
C LEU A 212 -11.65 -14.41 18.45
N SER A 213 -12.62 -13.51 18.27
CA SER A 213 -13.99 -13.88 17.81
C SER A 213 -14.00 -14.53 16.45
N GLU A 214 -15.11 -15.17 16.08
CA GLU A 214 -15.25 -15.80 14.80
CA GLU A 214 -15.10 -15.86 14.82
C GLU A 214 -14.98 -14.82 13.66
N ASP A 215 -15.55 -13.62 13.79
CA ASP A 215 -15.41 -12.63 12.69
C ASP A 215 -13.96 -12.10 12.55
N SER A 216 -13.33 -11.77 13.67
CA SER A 216 -11.89 -11.36 13.68
C SER A 216 -11.02 -12.49 13.16
N TYR A 217 -11.30 -13.72 13.58
CA TYR A 217 -10.54 -14.88 13.04
CA TYR A 217 -10.59 -14.91 13.04
C TYR A 217 -10.64 -14.97 11.52
N LYS A 218 -11.84 -14.76 10.97
CA LYS A 218 -12.00 -14.75 9.52
CA LYS A 218 -12.02 -14.72 9.51
C LYS A 218 -11.12 -13.64 8.88
N ASP A 219 -11.16 -12.43 9.45
CA ASP A 219 -10.39 -11.26 8.87
C ASP A 219 -8.87 -11.57 8.89
N SER A 220 -8.40 -12.08 10.03
CA SER A 220 -6.92 -12.38 10.20
C SER A 220 -6.45 -13.55 9.34
N THR A 221 -7.24 -14.63 9.27
CA THR A 221 -6.77 -15.80 8.54
C THR A 221 -6.77 -15.52 7.03
N LEU A 222 -7.65 -14.63 6.56
CA LEU A 222 -7.65 -14.27 5.12
CA LEU A 222 -7.65 -14.30 5.13
C LEU A 222 -6.27 -13.71 4.72
N ILE A 223 -5.73 -12.81 5.56
CA ILE A 223 -4.41 -12.21 5.25
C ILE A 223 -3.29 -13.18 5.52
N MET A 224 -3.45 -14.04 6.52
CA MET A 224 -2.42 -15.04 6.75
C MET A 224 -2.33 -15.96 5.49
N GLN A 225 -3.47 -16.21 4.83
CA GLN A 225 -3.42 -17.05 3.64
C GLN A 225 -2.60 -16.39 2.51
N LEU A 226 -2.72 -15.07 2.40
CA LEU A 226 -1.87 -14.32 1.45
C LEU A 226 -0.38 -14.44 1.79
N LEU A 227 -0.02 -14.41 3.10
CA LEU A 227 1.37 -14.67 3.47
C LEU A 227 1.78 -16.07 3.08
N ARG A 228 0.89 -17.04 3.31
CA ARG A 228 1.24 -18.42 2.96
CA ARG A 228 1.17 -18.44 2.95
C ARG A 228 1.37 -18.58 1.45
N ASP A 229 0.54 -17.90 0.67
CA ASP A 229 0.57 -17.99 -0.82
C ASP A 229 1.91 -17.45 -1.31
N ASN A 230 2.36 -16.36 -0.70
CA ASN A 230 3.72 -15.87 -1.03
C ASN A 230 4.81 -16.82 -0.69
N LEU A 231 4.82 -17.35 0.53
CA LEU A 231 5.85 -18.29 0.94
C LEU A 231 5.90 -19.50 0.01
N THR A 232 4.72 -19.89 -0.49
CA THR A 232 4.66 -20.99 -1.46
C THR A 232 5.26 -20.59 -2.82
N LEU A 233 5.00 -19.37 -3.29
CA LEU A 233 5.62 -18.90 -4.51
CA LEU A 233 5.63 -18.88 -4.50
C LEU A 233 7.15 -18.80 -4.33
N TRP A 234 7.59 -18.42 -3.13
CA TRP A 234 9.00 -18.03 -2.90
C TRP A 234 9.92 -19.16 -2.43
N THR A 235 9.35 -20.26 -1.97
CA THR A 235 10.14 -21.39 -1.49
C THR A 235 9.88 -22.67 -2.29
#